data_9BK4
#
_entry.id   9BK4
#
_cell.length_a   75.404
_cell.length_b   75.404
_cell.length_c   279.606
_cell.angle_alpha   90.00
_cell.angle_beta   90.00
_cell.angle_gamma   120.00
#
_symmetry.space_group_name_H-M   'H 3 2'
#
loop_
_entity.id
_entity.type
_entity.pdbx_description
1 polymer 'RidA family protein PA5083'
2 non-polymer 'PYRUVIC ACID'
3 non-polymer 'SULFATE ION'
4 water water
#
_entity_poly.entity_id   1
_entity_poly.type   'polypeptide(L)'
_entity_poly.pdbx_seq_one_letter_code
;MEPTRIATNDRLSAAVCFDALVFLSGQVPGQAEDIHGQTREVLAKIDALLAEAGSRKERILSATIYLKDIARDFAALNEV
WTQWLPTGQAPSRTTVQAELARPSVLVEITVVAARG
;
_entity_poly.pdbx_strand_id   A,B
#
# COMPACT_ATOMS: atom_id res chain seq x y z
N MET A 1 -36.19 32.27 -9.68
CA MET A 1 -35.95 30.86 -9.48
C MET A 1 -34.58 30.59 -8.89
N GLU A 2 -34.55 29.60 -8.01
CA GLU A 2 -33.40 29.05 -7.33
C GLU A 2 -33.10 27.63 -7.78
N PRO A 3 -31.84 27.28 -7.99
CA PRO A 3 -31.51 25.87 -8.22
C PRO A 3 -31.70 25.05 -6.95
N THR A 4 -32.21 23.84 -7.12
CA THR A 4 -32.30 22.86 -6.05
C THR A 4 -31.34 21.71 -6.36
N ARG A 5 -30.84 21.06 -5.32
CA ARG A 5 -29.77 20.10 -5.47
C ARG A 5 -30.18 18.76 -4.87
N ILE A 6 -29.62 17.69 -5.42
CA ILE A 6 -29.93 16.34 -4.98
C ILE A 6 -28.62 15.62 -4.69
N ALA A 7 -28.51 15.06 -3.50
CA ALA A 7 -27.35 14.26 -3.09
C ALA A 7 -26.04 15.03 -3.28
N THR A 8 -25.88 16.04 -2.43
CA THR A 8 -24.76 16.95 -2.50
C THR A 8 -23.64 16.49 -1.58
N ASN A 9 -22.41 16.53 -2.11
CA ASN A 9 -21.21 16.37 -1.30
C ASN A 9 -20.26 17.53 -1.62
N ASP A 10 -19.04 17.50 -1.11
CA ASP A 10 -18.18 18.67 -1.26
C ASP A 10 -17.48 18.76 -2.62
N ARG A 11 -17.76 17.83 -3.54
CA ARG A 11 -17.30 17.93 -4.92
C ARG A 11 -18.42 18.22 -5.91
N LEU A 12 -19.61 17.66 -5.69
CA LEU A 12 -20.66 17.70 -6.70
C LEU A 12 -22.00 17.34 -6.07
N SER A 13 -23.06 17.69 -6.79
CA SER A 13 -24.39 17.18 -6.54
C SER A 13 -24.76 16.19 -7.64
N ALA A 14 -25.37 15.08 -7.25
CA ALA A 14 -25.78 14.09 -8.25
C ALA A 14 -26.69 14.73 -9.28
N ALA A 15 -27.61 15.59 -8.84
CA ALA A 15 -28.48 16.32 -9.73
C ALA A 15 -28.61 17.76 -9.25
N VAL A 16 -28.72 18.68 -10.22
CA VAL A 16 -29.13 20.07 -9.98
C VAL A 16 -30.36 20.33 -10.85
N CYS A 17 -31.39 20.92 -10.25
CA CYS A 17 -32.64 21.19 -10.95
C CYS A 17 -32.84 22.69 -11.04
N PHE A 18 -33.19 23.18 -12.22
CA PHE A 18 -33.45 24.60 -12.37
C PHE A 18 -34.41 24.84 -13.53
N ASP A 19 -35.57 25.43 -13.24
CA ASP A 19 -36.52 25.87 -14.27
C ASP A 19 -36.90 24.76 -15.25
N ALA A 20 -37.45 23.67 -14.72
CA ALA A 20 -37.87 22.52 -15.54
C ALA A 20 -36.71 21.77 -16.18
N LEU A 21 -35.46 22.07 -15.82
CA LEU A 21 -34.30 21.34 -16.33
C LEU A 21 -33.64 20.57 -15.21
N VAL A 22 -33.07 19.42 -15.56
CA VAL A 22 -32.38 18.55 -14.62
C VAL A 22 -30.98 18.29 -15.17
N PHE A 23 -29.96 18.64 -14.38
CA PHE A 23 -28.56 18.46 -14.75
C PHE A 23 -27.98 17.37 -13.86
N LEU A 24 -27.66 16.22 -14.45
CA LEU A 24 -27.06 15.11 -13.71
C LEU A 24 -25.55 15.13 -13.82
N SER A 25 -24.88 14.82 -12.70
CA SER A 25 -23.46 14.54 -12.76
C SER A 25 -23.21 13.29 -13.61
N GLY A 26 -22.03 13.24 -14.22
CA GLY A 26 -21.66 12.05 -14.96
C GLY A 26 -21.76 10.84 -14.06
N GLN A 27 -22.45 9.79 -14.53
CA GLN A 27 -22.68 8.60 -13.73
C GLN A 27 -21.72 7.50 -14.14
N VAL A 28 -21.17 6.80 -13.14
CA VAL A 28 -20.18 5.75 -13.35
C VAL A 28 -20.79 4.42 -12.92
N PRO A 29 -20.17 3.29 -13.28
CA PRO A 29 -20.76 1.98 -12.98
C PRO A 29 -20.69 1.67 -11.49
N GLY A 30 -21.39 0.61 -11.11
CA GLY A 30 -21.25 0.04 -9.79
C GLY A 30 -19.97 -0.79 -9.74
N GLN A 31 -20.08 -2.05 -9.35
CA GLN A 31 -18.93 -2.94 -9.28
C GLN A 31 -18.75 -3.83 -10.51
N ALA A 32 -19.61 -3.69 -11.52
CA ALA A 32 -19.41 -4.45 -12.75
C ALA A 32 -18.02 -4.18 -13.32
N GLU A 33 -17.42 -5.21 -13.92
CA GLU A 33 -16.08 -5.07 -14.48
C GLU A 33 -16.02 -5.05 -16.00
N ASP A 34 -17.07 -5.53 -16.67
CA ASP A 34 -17.21 -5.62 -18.11
C ASP A 34 -18.02 -4.46 -18.68
N ILE A 35 -17.81 -4.18 -19.97
CA ILE A 35 -18.51 -3.07 -20.62
C ILE A 35 -20.02 -3.27 -20.59
N HIS A 36 -20.51 -4.48 -20.87
CA HIS A 36 -21.96 -4.69 -20.90
C HIS A 36 -22.58 -4.40 -19.54
N GLY A 37 -22.00 -4.97 -18.48
CA GLY A 37 -22.54 -4.78 -17.14
C GLY A 37 -22.34 -3.37 -16.64
N GLN A 38 -21.18 -2.76 -16.95
CA GLN A 38 -20.95 -1.38 -16.56
C GLN A 38 -21.94 -0.43 -17.20
N THR A 39 -22.24 -0.62 -18.49
CA THR A 39 -23.23 0.22 -19.15
C THR A 39 -24.61 0.04 -18.53
N ARG A 40 -25.01 -1.21 -18.26
CA ARG A 40 -26.27 -1.44 -17.57
C ARG A 40 -26.31 -0.74 -16.22
N GLU A 41 -25.21 -0.80 -15.45
CA GLU A 41 -25.24 -0.18 -14.12
C GLU A 41 -25.25 1.35 -14.20
N VAL A 42 -24.53 1.92 -15.16
CA VAL A 42 -24.58 3.37 -15.34
C VAL A 42 -26.01 3.81 -15.62
N LEU A 43 -26.69 3.08 -16.51
CA LEU A 43 -28.05 3.45 -16.89
C LEU A 43 -29.03 3.23 -15.74
N ALA A 44 -28.79 2.20 -14.91
CA ALA A 44 -29.59 2.01 -13.70
C ALA A 44 -29.50 3.23 -12.77
N LYS A 45 -28.27 3.71 -12.53
CA LYS A 45 -28.08 4.88 -11.67
C LYS A 45 -28.77 6.12 -12.25
N ILE A 46 -28.67 6.31 -13.57
CA ILE A 46 -29.32 7.46 -14.18
C ILE A 46 -30.83 7.36 -14.00
N ASP A 47 -31.38 6.16 -14.21
CA ASP A 47 -32.78 5.88 -13.97
C ASP A 47 -33.21 6.34 -12.58
N ALA A 48 -32.44 5.93 -11.56
CA ALA A 48 -32.71 6.31 -10.18
C ALA A 48 -32.63 7.82 -9.96
N LEU A 49 -31.56 8.46 -10.43
CA LEU A 49 -31.39 9.90 -10.25
C LEU A 49 -32.49 10.69 -10.94
N LEU A 50 -32.86 10.31 -12.16
CA LEU A 50 -33.98 10.99 -12.81
C LEU A 50 -35.22 10.94 -11.91
N ALA A 51 -35.49 9.80 -11.30
CA ALA A 51 -36.66 9.70 -10.41
C ALA A 51 -36.56 10.69 -9.26
N GLU A 52 -35.42 10.70 -8.58
CA GLU A 52 -35.21 11.60 -7.45
C GLU A 52 -35.30 13.06 -7.89
N ALA A 53 -34.83 13.37 -9.10
CA ALA A 53 -34.77 14.75 -9.56
C ALA A 53 -36.06 15.19 -10.24
N GLY A 54 -37.08 14.33 -10.28
CA GLY A 54 -38.35 14.71 -10.85
C GLY A 54 -38.47 14.55 -12.35
N SER A 55 -37.63 13.72 -12.96
CA SER A 55 -37.74 13.42 -14.38
C SER A 55 -37.90 11.91 -14.59
N ARG A 56 -37.67 11.44 -15.82
CA ARG A 56 -37.79 10.02 -16.14
C ARG A 56 -37.07 9.77 -17.45
N LYS A 57 -36.88 8.49 -17.77
CA LYS A 57 -36.06 8.11 -18.92
C LYS A 57 -36.63 8.66 -20.22
N GLU A 58 -37.95 8.73 -20.32
CA GLU A 58 -38.63 9.25 -21.51
C GLU A 58 -38.38 10.73 -21.74
N ARG A 59 -37.80 11.43 -20.76
CA ARG A 59 -37.66 12.89 -20.84
C ARG A 59 -36.20 13.33 -20.90
N ILE A 60 -35.27 12.43 -21.24
CA ILE A 60 -33.88 12.81 -21.40
C ILE A 60 -33.74 13.72 -22.62
N LEU A 61 -33.00 14.81 -22.47
CA LEU A 61 -32.76 15.75 -23.56
C LEU A 61 -31.42 15.52 -24.25
N SER A 62 -30.36 15.26 -23.49
CA SER A 62 -29.04 15.09 -24.06
C SER A 62 -28.28 14.08 -23.20
N ALA A 63 -27.39 13.34 -23.85
CA ALA A 63 -26.49 12.42 -23.17
C ALA A 63 -25.13 12.50 -23.84
N THR A 64 -24.10 12.80 -23.05
CA THR A 64 -22.73 12.60 -23.50
C THR A 64 -22.27 11.29 -22.91
N ILE A 65 -21.83 10.38 -23.78
CA ILE A 65 -21.36 9.07 -23.39
C ILE A 65 -19.85 9.04 -23.59
N TYR A 66 -19.12 8.86 -22.50
CA TYR A 66 -17.67 8.75 -22.54
C TYR A 66 -17.29 7.28 -22.46
N LEU A 67 -16.47 6.82 -23.41
CA LEU A 67 -15.96 5.45 -23.42
C LEU A 67 -14.44 5.50 -23.28
N LYS A 68 -13.91 4.72 -22.35
CA LYS A 68 -12.46 4.68 -22.19
C LYS A 68 -11.78 4.17 -23.46
N ASP A 69 -12.43 3.27 -24.19
CA ASP A 69 -11.91 2.70 -25.43
C ASP A 69 -13.09 2.65 -26.42
N ILE A 70 -13.22 3.70 -27.22
CA ILE A 70 -14.40 3.79 -28.10
C ILE A 70 -14.36 2.72 -29.18
N ALA A 71 -13.17 2.42 -29.71
CA ALA A 71 -13.08 1.37 -30.73
C ALA A 71 -13.50 0.01 -30.16
N ARG A 72 -13.02 -0.31 -28.96
CA ARG A 72 -13.26 -1.62 -28.38
C ARG A 72 -14.71 -1.78 -27.91
N ASP A 73 -15.32 -0.72 -27.37
CA ASP A 73 -16.53 -0.87 -26.55
C ASP A 73 -17.79 -0.22 -27.11
N PHE A 74 -17.72 0.49 -28.23
CA PHE A 74 -18.88 1.20 -28.76
C PHE A 74 -20.03 0.24 -29.08
N ALA A 75 -19.72 -0.94 -29.66
CA ALA A 75 -20.79 -1.86 -30.04
C ALA A 75 -21.57 -2.35 -28.83
N ALA A 76 -20.85 -2.75 -27.78
CA ALA A 76 -21.51 -3.20 -26.56
C ALA A 76 -22.29 -2.06 -25.93
N LEU A 77 -21.69 -0.88 -25.86
CA LEU A 77 -22.41 0.31 -25.36
C LEU A 77 -23.73 0.48 -26.10
N ASN A 78 -23.68 0.48 -27.43
CA ASN A 78 -24.90 0.68 -28.22
C ASN A 78 -25.93 -0.41 -27.93
N GLU A 79 -25.46 -1.65 -27.74
CA GLU A 79 -26.38 -2.76 -27.48
C GLU A 79 -27.19 -2.53 -26.22
N VAL A 80 -26.51 -2.25 -25.10
CA VAL A 80 -27.21 -2.00 -23.84
C VAL A 80 -28.03 -0.72 -23.92
N TRP A 81 -27.45 0.34 -24.47
CA TRP A 81 -28.15 1.62 -24.59
C TRP A 81 -29.46 1.47 -25.36
N THR A 82 -29.39 0.90 -26.57
CA THR A 82 -30.59 0.82 -27.40
C THR A 82 -31.68 -0.02 -26.72
N GLN A 83 -31.30 -1.00 -25.92
CA GLN A 83 -32.29 -1.83 -25.24
C GLN A 83 -32.92 -1.12 -24.05
N TRP A 84 -32.18 -0.21 -23.41
CA TRP A 84 -32.64 0.47 -22.21
C TRP A 84 -33.56 1.64 -22.53
N LEU A 85 -33.35 2.29 -23.67
CA LEU A 85 -34.13 3.47 -23.98
C LEU A 85 -35.59 3.11 -24.20
N PRO A 86 -36.52 3.93 -23.74
CA PRO A 86 -37.92 3.75 -24.13
C PRO A 86 -38.07 3.89 -25.64
N THR A 87 -38.86 2.98 -26.20
CA THR A 87 -39.00 2.86 -27.65
C THR A 87 -39.36 4.20 -28.29
N GLY A 88 -38.66 4.53 -29.37
CA GLY A 88 -38.94 5.74 -30.11
C GLY A 88 -38.70 7.04 -29.38
N GLN A 89 -38.04 7.00 -28.23
CA GLN A 89 -37.86 8.21 -27.42
C GLN A 89 -36.40 8.42 -27.06
N ALA A 90 -35.51 8.16 -28.02
CA ALA A 90 -34.08 8.35 -27.81
C ALA A 90 -33.75 9.84 -27.69
N PRO A 91 -32.81 10.20 -26.82
CA PRO A 91 -32.43 11.61 -26.70
C PRO A 91 -31.35 12.03 -27.69
N SER A 92 -30.96 13.31 -27.71
CA SER A 92 -29.75 13.67 -28.42
C SER A 92 -28.54 13.06 -27.72
N ARG A 93 -27.52 12.66 -28.49
CA ARG A 93 -26.40 12.02 -27.83
C ARG A 93 -25.11 12.29 -28.60
N THR A 94 -24.00 12.18 -27.86
CA THR A 94 -22.65 12.29 -28.37
C THR A 94 -21.82 11.25 -27.64
N THR A 95 -21.10 10.42 -28.39
CA THR A 95 -20.26 9.38 -27.77
C THR A 95 -18.82 9.63 -28.20
N VAL A 96 -17.93 9.77 -27.22
CA VAL A 96 -16.54 10.10 -27.50
C VAL A 96 -15.66 9.30 -26.56
N GLN A 97 -14.39 9.20 -26.92
CA GLN A 97 -13.43 8.50 -26.10
C GLN A 97 -12.83 9.47 -25.09
N ALA A 98 -12.73 9.01 -23.84
CA ALA A 98 -12.06 9.78 -22.79
C ALA A 98 -11.78 8.84 -21.63
N GLU A 99 -10.58 8.94 -21.05
CA GLU A 99 -10.32 8.23 -19.81
C GLU A 99 -11.06 8.88 -18.64
N LEU A 100 -11.64 8.03 -17.79
CA LEU A 100 -12.41 8.51 -16.65
C LEU A 100 -11.51 8.54 -15.41
N ALA A 101 -12.07 9.02 -14.29
CA ALA A 101 -11.28 9.29 -13.10
C ALA A 101 -10.63 8.02 -12.53
N ARG A 102 -11.30 6.85 -12.67
CA ARG A 102 -10.75 5.56 -12.23
C ARG A 102 -10.42 4.69 -13.43
N PRO A 103 -9.27 4.01 -13.43
CA PRO A 103 -8.90 3.20 -14.62
C PRO A 103 -9.85 2.06 -14.90
N SER A 104 -10.55 1.56 -13.89
CA SER A 104 -11.49 0.46 -14.09
C SER A 104 -12.75 0.91 -14.82
N VAL A 105 -13.03 2.21 -14.86
CA VAL A 105 -14.27 2.69 -15.46
C VAL A 105 -14.13 2.69 -16.98
N LEU A 106 -15.00 1.94 -17.65
CA LEU A 106 -15.00 1.87 -19.10
C LEU A 106 -15.98 2.83 -19.74
N VAL A 107 -16.96 3.32 -18.99
CA VAL A 107 -18.06 4.11 -19.54
C VAL A 107 -18.56 5.06 -18.46
N GLU A 108 -18.91 6.28 -18.88
CA GLU A 108 -19.53 7.27 -18.00
C GLU A 108 -20.47 8.11 -18.85
N ILE A 109 -21.64 8.45 -18.31
CA ILE A 109 -22.68 9.10 -19.09
C ILE A 109 -23.20 10.32 -18.33
N THR A 110 -23.26 11.47 -19.01
CA THR A 110 -23.71 12.73 -18.43
C THR A 110 -25.01 13.16 -19.09
N VAL A 111 -26.07 13.31 -18.28
CA VAL A 111 -27.43 13.49 -18.81
C VAL A 111 -27.98 14.85 -18.41
N VAL A 112 -28.67 15.50 -19.34
CA VAL A 112 -29.56 16.61 -19.03
C VAL A 112 -30.96 16.18 -19.42
N ALA A 113 -31.95 16.49 -18.56
CA ALA A 113 -33.30 15.99 -18.77
C ALA A 113 -34.31 17.08 -18.44
N ALA A 114 -35.56 16.85 -18.84
CA ALA A 114 -36.65 17.78 -18.60
C ALA A 114 -37.45 17.28 -17.40
N ARG A 115 -37.67 18.17 -16.43
CA ARG A 115 -38.53 17.83 -15.30
C ARG A 115 -39.94 17.51 -15.79
N GLY A 116 -40.54 16.51 -15.18
CA GLY A 116 -41.84 16.01 -15.58
C GLY A 116 -42.82 15.85 -14.42
N MET B 1 14.98 12.32 24.72
CA MET B 1 16.00 13.35 24.48
C MET B 1 17.30 12.98 25.15
N GLU B 2 17.22 12.03 26.08
CA GLU B 2 18.42 11.51 26.72
C GLU B 2 18.71 10.12 26.19
N PRO B 3 19.98 9.84 25.88
CA PRO B 3 20.37 8.45 25.65
C PRO B 3 20.34 7.75 26.99
N THR B 4 19.87 6.51 26.97
CA THR B 4 19.93 5.64 28.14
C THR B 4 20.86 4.47 27.84
N ARG B 5 21.44 3.92 28.89
CA ARG B 5 22.51 2.94 28.77
C ARG B 5 22.18 1.66 29.53
N ILE B 6 22.70 0.55 29.03
CA ILE B 6 22.51 -0.77 29.64
C ILE B 6 23.87 -1.40 29.84
N ALA B 7 24.14 -1.85 31.09
CA ALA B 7 25.36 -2.57 31.43
C ALA B 7 26.59 -1.74 31.08
N THR B 8 26.78 -0.68 31.86
CA THR B 8 27.83 0.30 31.65
C THR B 8 29.05 -0.01 32.51
N ASN B 9 30.24 0.05 31.90
CA ASN B 9 31.50 0.04 32.64
C ASN B 9 32.38 1.18 32.15
N ASP B 10 33.65 1.26 32.56
CA ASP B 10 34.42 2.46 32.24
C ASP B 10 35.00 2.42 30.82
N ARG B 11 34.72 1.40 30.03
CA ARG B 11 35.08 1.34 28.61
C ARG B 11 33.88 1.44 27.69
N LEU B 12 32.74 0.85 28.08
CA LEU B 12 31.61 0.76 27.15
C LEU B 12 30.34 0.44 27.91
N SER B 13 29.22 0.73 27.26
CA SER B 13 27.91 0.24 27.66
C SER B 13 27.49 -0.84 26.68
N ALA B 14 26.95 -1.94 27.18
CA ALA B 14 26.53 -3.01 26.29
C ALA B 14 25.52 -2.51 25.26
N ALA B 15 24.61 -1.63 25.67
CA ALA B 15 23.66 -1.01 24.75
C ALA B 15 23.50 0.45 25.11
N VAL B 16 23.32 1.28 24.10
CA VAL B 16 22.89 2.67 24.25
C VAL B 16 21.61 2.87 23.46
N CYS B 17 20.60 3.44 24.11
CA CYS B 17 19.30 3.66 23.50
C CYS B 17 19.07 5.16 23.35
N PHE B 18 18.57 5.56 22.19
CA PHE B 18 18.30 6.96 21.93
C PHE B 18 17.16 7.03 20.94
N ASP B 19 16.07 7.65 21.36
CA ASP B 19 14.87 7.81 20.55
C ASP B 19 14.41 6.39 20.21
N ALA B 20 14.25 6.02 18.95
CA ALA B 20 13.76 4.69 18.62
C ALA B 20 14.88 3.74 18.19
N LEU B 21 16.13 4.09 18.47
CA LEU B 21 17.28 3.31 18.04
C LEU B 21 18.00 2.66 19.22
N VAL B 22 18.58 1.50 18.95
CA VAL B 22 19.38 0.77 19.95
C VAL B 22 20.74 0.48 19.32
N PHE B 23 21.81 0.90 19.99
CA PHE B 23 23.19 0.69 19.54
C PHE B 23 23.85 -0.30 20.50
N LEU B 24 24.17 -1.49 20.01
CA LEU B 24 24.83 -2.52 20.82
C LEU B 24 26.34 -2.48 20.63
N SER B 25 27.06 -2.65 21.73
CA SER B 25 28.49 -2.91 21.62
C SER B 25 28.71 -4.21 20.88
N GLY B 26 29.85 -4.29 20.18
CA GLY B 26 30.19 -5.54 19.53
C GLY B 26 30.18 -6.64 20.57
N GLN B 27 29.49 -7.74 20.30
CA GLN B 27 29.37 -8.83 21.24
C GLN B 27 30.36 -9.93 20.88
N VAL B 28 31.04 -10.48 21.90
CA VAL B 28 32.07 -11.50 21.71
C VAL B 28 31.64 -12.82 22.33
N PRO B 29 32.28 -13.93 22.01
CA PRO B 29 31.77 -15.24 22.46
C PRO B 29 31.89 -15.40 23.96
N GLY B 30 31.15 -16.38 24.47
CA GLY B 30 31.22 -16.66 25.88
C GLY B 30 32.46 -17.44 26.24
N GLN B 31 32.57 -18.62 25.65
CA GLN B 31 33.23 -19.73 26.31
C GLN B 31 33.65 -20.75 25.26
N ALA B 32 32.82 -20.85 24.22
CA ALA B 32 33.11 -21.71 23.09
C ALA B 32 34.48 -21.39 22.51
N GLU B 33 35.12 -22.43 21.97
CA GLU B 33 36.40 -22.31 21.29
C GLU B 33 36.29 -22.48 19.79
N ASP B 34 35.21 -23.08 19.31
CA ASP B 34 34.96 -23.34 17.91
C ASP B 34 34.10 -22.23 17.31
N ILE B 35 34.19 -22.07 15.99
CA ILE B 35 33.44 -21.02 15.30
C ILE B 35 31.94 -21.19 15.51
N HIS B 36 31.43 -22.42 15.39
CA HIS B 36 29.99 -22.64 15.54
C HIS B 36 29.51 -22.24 16.93
N GLY B 37 30.21 -22.70 17.96
CA GLY B 37 29.81 -22.37 19.32
C GLY B 37 30.01 -20.91 19.66
N GLN B 38 31.10 -20.32 19.18
CA GLN B 38 31.32 -18.89 19.42
C GLN B 38 30.24 -18.05 18.77
N THR B 39 29.85 -18.40 17.53
CA THR B 39 28.80 -17.66 16.85
C THR B 39 27.48 -17.79 17.60
N ARG B 40 27.15 -19.00 18.06
CA ARG B 40 25.94 -19.17 18.86
C ARG B 40 25.97 -18.29 20.10
N GLU B 41 27.11 -18.21 20.78
CA GLU B 41 27.17 -17.46 22.03
C GLU B 41 27.05 -15.95 21.77
N VAL B 42 27.69 -15.47 20.69
CA VAL B 42 27.58 -14.06 20.33
C VAL B 42 26.14 -13.68 20.01
N LEU B 43 25.46 -14.49 19.22
CA LEU B 43 24.09 -14.16 18.85
C LEU B 43 23.15 -14.27 20.04
N ALA B 44 23.37 -15.24 20.91
CA ALA B 44 22.59 -15.32 22.14
C ALA B 44 22.74 -14.04 22.94
N LYS B 45 23.98 -13.57 23.11
CA LYS B 45 24.21 -12.33 23.84
C LYS B 45 23.48 -11.17 23.20
N ILE B 46 23.45 -11.12 21.86
CA ILE B 46 22.77 -10.02 21.17
C ILE B 46 21.26 -10.05 21.43
N ASP B 47 20.64 -11.22 21.31
CA ASP B 47 19.20 -11.33 21.57
C ASP B 47 18.84 -10.82 22.97
N ALA B 48 19.62 -11.21 23.98
CA ALA B 48 19.36 -10.73 25.34
C ALA B 48 19.39 -9.21 25.38
N LEU B 49 20.42 -8.60 24.78
CA LEU B 49 20.55 -7.15 24.81
C LEU B 49 19.38 -6.48 24.09
N LEU B 50 18.99 -7.01 22.93
CA LEU B 50 17.83 -6.47 22.25
C LEU B 50 16.60 -6.51 23.16
N ALA B 51 16.40 -7.62 23.86
CA ALA B 51 15.25 -7.75 24.78
C ALA B 51 15.32 -6.68 25.87
N GLU B 52 16.48 -6.54 26.51
CA GLU B 52 16.63 -5.52 27.54
C GLU B 52 16.38 -4.11 27.00
N ALA B 53 16.75 -3.84 25.76
CA ALA B 53 16.64 -2.50 25.20
C ALA B 53 15.29 -2.23 24.55
N GLY B 54 14.34 -3.16 24.63
CA GLY B 54 13.04 -2.94 24.04
C GLY B 54 12.96 -3.25 22.57
N SER B 55 13.87 -4.06 22.06
CA SER B 55 13.82 -4.44 20.65
C SER B 55 13.66 -5.96 20.57
N ARG B 56 13.90 -6.50 19.38
CA ARG B 56 13.79 -7.93 19.13
C ARG B 56 14.52 -8.22 17.82
N LYS B 57 14.75 -9.50 17.55
CA LYS B 57 15.53 -9.85 16.37
C LYS B 57 14.86 -9.38 15.09
N GLU B 58 13.53 -9.39 15.05
CA GLU B 58 12.81 -8.90 13.87
C GLU B 58 13.05 -7.42 13.60
N ARG B 59 13.65 -6.69 14.54
CA ARG B 59 13.80 -5.25 14.40
C ARG B 59 15.27 -4.84 14.27
N ILE B 60 16.15 -5.79 13.94
CA ILE B 60 17.54 -5.45 13.66
C ILE B 60 17.61 -4.65 12.35
N LEU B 61 18.37 -3.57 12.37
CA LEU B 61 18.57 -2.75 11.18
C LEU B 61 19.87 -3.07 10.47
N SER B 62 20.95 -3.28 11.21
CA SER B 62 22.26 -3.53 10.61
C SER B 62 23.07 -4.41 11.52
N ALA B 63 23.96 -5.20 10.91
CA ALA B 63 24.95 -5.98 11.63
C ALA B 63 26.26 -5.96 10.86
N THR B 64 27.35 -5.58 11.52
CA THR B 64 28.70 -5.81 11.02
C THR B 64 29.20 -7.06 11.70
N ILE B 65 29.63 -8.03 10.91
CA ILE B 65 30.16 -9.29 11.42
C ILE B 65 31.65 -9.33 11.14
N TYR B 66 32.45 -9.40 12.20
CA TYR B 66 33.89 -9.49 12.09
C TYR B 66 34.33 -10.92 12.31
N LEU B 67 35.11 -11.47 11.38
CA LEU B 67 35.66 -12.81 11.48
C LEU B 67 37.18 -12.72 11.53
N LYS B 68 37.79 -13.40 12.50
CA LYS B 68 39.25 -13.42 12.56
C LYS B 68 39.82 -14.02 11.27
N ASP B 69 39.13 -15.01 10.69
CA ASP B 69 39.59 -15.67 9.45
C ASP B 69 38.36 -15.85 8.57
N ILE B 70 38.12 -14.88 7.68
CA ILE B 70 36.88 -14.90 6.91
C ILE B 70 36.88 -16.08 5.92
N ALA B 71 38.03 -16.41 5.33
CA ALA B 71 38.06 -17.55 4.42
C ALA B 71 37.72 -18.86 5.13
N ARG B 72 38.29 -19.06 6.32
CA ARG B 72 38.12 -20.32 7.03
C ARG B 72 36.73 -20.45 7.66
N ASP B 73 36.15 -19.35 8.13
CA ASP B 73 35.02 -19.41 9.06
C ASP B 73 33.72 -18.84 8.50
N PHE B 74 33.73 -18.29 7.29
CA PHE B 74 32.53 -17.66 6.74
C PHE B 74 31.38 -18.66 6.62
N ALA B 75 31.67 -19.89 6.17
CA ALA B 75 30.59 -20.85 5.96
C ALA B 75 29.90 -21.20 7.27
N ALA B 76 30.68 -21.49 8.32
CA ALA B 76 30.12 -21.83 9.63
C ALA B 76 29.35 -20.65 10.20
N LEU B 77 29.93 -19.45 10.13
CA LEU B 77 29.23 -18.23 10.53
C LEU B 77 27.85 -18.15 9.87
N ASN B 78 27.80 -18.31 8.54
CA ASN B 78 26.53 -18.22 7.82
C ASN B 78 25.54 -19.29 8.30
N GLU B 79 26.03 -20.50 8.59
CA GLU B 79 25.17 -21.60 9.05
C GLU B 79 24.41 -21.20 10.31
N VAL B 80 25.15 -20.81 11.34
CA VAL B 80 24.55 -20.40 12.61
C VAL B 80 23.73 -19.14 12.44
N TRP B 81 24.27 -18.16 11.70
CA TRP B 81 23.55 -16.90 11.48
C TRP B 81 22.19 -17.13 10.84
N THR B 82 22.15 -17.85 9.72
CA THR B 82 20.88 -17.98 8.99
C THR B 82 19.83 -18.74 9.80
N GLN B 83 20.26 -19.66 10.67
CA GLN B 83 19.32 -20.38 11.53
C GLN B 83 18.82 -19.53 12.68
N TRP B 84 19.61 -18.54 13.11
CA TRP B 84 19.25 -17.71 14.25
C TRP B 84 18.29 -16.59 13.86
N LEU B 85 18.37 -16.10 12.63
CA LEU B 85 17.55 -15.00 12.20
C LEU B 85 16.09 -15.42 12.12
N PRO B 86 15.17 -14.49 12.41
CA PRO B 86 13.75 -14.75 12.14
C PRO B 86 13.51 -14.90 10.64
N THR B 87 12.71 -15.89 10.27
CA THR B 87 12.48 -16.24 8.87
C THR B 87 12.03 -15.02 8.06
N GLY B 88 12.65 -14.84 6.91
CA GLY B 88 12.30 -13.75 6.01
C GLY B 88 12.54 -12.35 6.52
N GLN B 89 13.25 -12.18 7.64
CA GLN B 89 13.39 -10.84 8.20
C GLN B 89 14.86 -10.49 8.46
N ALA B 90 15.74 -10.89 7.55
CA ALA B 90 17.17 -10.63 7.74
C ALA B 90 17.47 -9.13 7.67
N PRO B 91 18.42 -8.62 8.47
CA PRO B 91 18.75 -7.20 8.43
C PRO B 91 19.80 -6.88 7.36
N SER B 92 20.18 -5.61 7.22
CA SER B 92 21.37 -5.30 6.43
C SER B 92 22.60 -5.88 7.13
N ARG B 93 23.59 -6.30 6.34
CA ARG B 93 24.74 -6.99 6.90
C ARG B 93 26.00 -6.65 6.13
N THR B 94 27.13 -6.68 6.84
CA THR B 94 28.47 -6.56 6.28
C THR B 94 29.37 -7.51 7.05
N THR B 95 30.08 -8.38 6.33
CA THR B 95 30.98 -9.36 6.94
C THR B 95 32.40 -9.14 6.41
N VAL B 96 33.34 -8.93 7.33
CA VAL B 96 34.71 -8.59 6.97
C VAL B 96 35.66 -9.28 7.93
N GLN B 97 36.92 -9.37 7.51
CA GLN B 97 37.95 -9.94 8.35
C GLN B 97 38.58 -8.88 9.24
N ALA B 98 38.74 -9.21 10.52
CA ALA B 98 39.44 -8.37 11.46
C ALA B 98 39.78 -9.22 12.67
N GLU B 99 41.00 -9.09 13.16
CA GLU B 99 41.36 -9.69 14.42
C GLU B 99 40.66 -8.95 15.57
N LEU B 100 40.18 -9.71 16.54
CA LEU B 100 39.49 -9.15 17.69
C LEU B 100 40.46 -8.99 18.86
N ALA B 101 39.93 -8.43 19.96
CA ALA B 101 40.78 -8.02 21.06
C ALA B 101 41.52 -9.20 21.69
N ARG B 102 40.93 -10.38 21.66
CA ARG B 102 41.56 -11.59 22.16
C ARG B 102 41.82 -12.58 21.03
N PRO B 103 42.99 -13.21 20.99
CA PRO B 103 43.28 -14.13 19.88
C PRO B 103 42.35 -15.33 19.80
N SER B 104 41.79 -15.75 20.92
CA SER B 104 40.85 -16.87 20.93
C SER B 104 39.51 -16.51 20.31
N VAL B 105 39.21 -15.23 20.16
CA VAL B 105 37.92 -14.80 19.62
C VAL B 105 37.95 -14.93 18.10
N LEU B 106 37.02 -15.73 17.56
CA LEU B 106 36.94 -15.94 16.13
C LEU B 106 35.88 -15.07 15.44
N VAL B 107 34.93 -14.52 16.18
CA VAL B 107 33.80 -13.81 15.58
C VAL B 107 33.31 -12.78 16.60
N GLU B 108 32.91 -11.60 16.09
CA GLU B 108 32.33 -10.54 16.89
C GLU B 108 31.34 -9.78 16.01
N ILE B 109 30.19 -9.41 16.57
CA ILE B 109 29.09 -8.85 15.78
C ILE B 109 28.55 -7.59 16.44
N THR B 110 28.38 -6.54 15.65
CA THR B 110 27.91 -5.24 16.12
C THR B 110 26.56 -4.92 15.49
N VAL B 111 25.54 -4.74 16.32
CA VAL B 111 24.16 -4.61 15.83
C VAL B 111 23.60 -3.24 16.19
N VAL B 112 22.85 -2.66 15.24
CA VAL B 112 21.97 -1.53 15.48
C VAL B 112 20.55 -1.99 15.19
N ALA B 113 19.60 -1.62 16.06
CA ALA B 113 18.24 -2.12 15.97
C ALA B 113 17.24 -1.02 16.30
N ALA B 114 15.97 -1.30 16.01
CA ALA B 114 14.87 -0.37 16.28
C ALA B 114 14.12 -0.78 17.55
N ARG B 115 13.91 0.19 18.45
CA ARG B 115 13.06 -0.04 19.61
C ARG B 115 11.62 -0.28 19.19
N GLY B 116 10.95 -1.20 19.88
CA GLY B 116 9.60 -1.59 19.51
C GLY B 116 8.62 -1.57 20.68
#